data_6I1E
#
_entry.id   6I1E
#
_cell.length_a   68.440
_cell.length_b   82.780
_cell.length_c   89.440
_cell.angle_alpha   90.00
_cell.angle_beta   90.00
_cell.angle_gamma   90.00
#
_symmetry.space_group_name_H-M   'P 21 21 21'
#
loop_
_entity.id
_entity.type
_entity.pdbx_description
1 polymer 'Peptidoglycan D,D-transpeptidase FtsI'
2 non-polymer '2-{1-[2-AMINO-2-(4-HYDROXY-PHENYL)-ACETYLAMINO]-2-OXO-ETHYL}-5,5-DIMETHYL-THIAZOLIDINE-4-CARBOXYLIC ACID'
3 water water
#
_entity_poly.entity_id   1
_entity_poly.type   'polypeptide(L)'
_entity_poly.pdbx_seq_one_letter_code
;GPGYQDPARSVRHIAIPAHRGLITDRNGEPLAVSTPVTTLWANPKELMTAKERWPQLAAALGQDTKLFADRIEQNAEREF
IYLVRGLTPEQGEGVIALKVPGVYSIEEFRRFYPAGEVVAHAVGFTDVDDRGREGIELAFDEWLAGVPGKRQVLKDRRGR
VIKDVQVTKNAKPGKTLALSIDLRLQYLAHRELRNALLENGAKAGSLVIMDVKTGEILAMTNQPTYNPNNRRNLQPAAMR
NRAMIDVFEPGSTVKPFSMSAALASGRWKPSDIVDVYPGTLQIGRYTIRDVSRNSRQLDLTGILIKSSNVGISKIAFDIG
AESIYSVMQQVGLGQDTGLGFPGERVGNLPNHRKWPKAETATLAYGYGLSVTAIQLAHAYAALANDGKSVPLSMTRVDRV
PDGVQVISPEVASTVQGMLQQVVEAQGGVFRAQVPGYHAAGKSGTARKVSVGTKGYRENAYRSLFAGFAPATDPRIAMVV
VIDEPSKAGYFGGLVSAPVFSKVMAGALRLMNVPPDNLPTATEQQQVNAAPAKGGRG
;
_entity_poly.pdbx_strand_id   A
#
loop_
_chem_comp.id
_chem_comp.type
_chem_comp.name
_chem_comp.formula
AXL non-polymer '2-{1-[2-AMINO-2-(4-HYDROXY-PHENYL)-ACETYLAMINO]-2-OXO-ETHYL}-5,5-DIMETHYL-THIAZOLIDINE-4-CARBOXYLIC ACID' 'C16 H21 N3 O5 S'
#
# COMPACT_ATOMS: atom_id res chain seq x y z
N PRO A 7 51.76 -17.39 -2.59
CA PRO A 7 51.95 -17.36 -4.03
C PRO A 7 52.54 -16.02 -4.52
N ALA A 8 53.39 -16.09 -5.54
CA ALA A 8 53.97 -14.90 -6.16
C ALA A 8 52.91 -14.13 -6.95
N ARG A 9 52.05 -14.87 -7.63
CA ARG A 9 50.90 -14.31 -8.36
C ARG A 9 49.65 -15.13 -8.06
N SER A 10 48.49 -14.48 -8.09
CA SER A 10 47.21 -15.14 -7.86
C SER A 10 46.10 -14.47 -8.65
N VAL A 11 45.50 -15.23 -9.58
CA VAL A 11 44.40 -14.74 -10.41
C VAL A 11 43.08 -14.95 -9.66
N ARG A 12 42.37 -13.86 -9.37
CA ARG A 12 41.07 -13.93 -8.69
C ARG A 12 40.02 -13.02 -9.34
N HIS A 13 38.81 -13.02 -8.79
CA HIS A 13 37.66 -12.32 -9.37
C HIS A 13 36.93 -11.42 -8.39
N ILE A 14 36.55 -10.24 -8.89
CA ILE A 14 35.88 -9.21 -8.08
C ILE A 14 34.59 -8.70 -8.77
N ALA A 15 33.63 -8.23 -7.96
CA ALA A 15 32.33 -7.79 -8.49
C ALA A 15 32.29 -6.31 -8.85
N ILE A 16 31.69 -6.02 -10.00
CA ILE A 16 31.44 -4.64 -10.45
C ILE A 16 29.94 -4.36 -10.34
N PRO A 17 29.53 -3.50 -9.38
CA PRO A 17 28.10 -3.19 -9.17
C PRO A 17 27.40 -2.69 -10.44
N ALA A 18 26.17 -3.16 -10.65
CA ALA A 18 25.38 -2.80 -11.83
C ALA A 18 24.38 -1.70 -11.48
N HIS A 19 24.02 -0.93 -12.50
CA HIS A 19 23.02 0.14 -12.39
C HIS A 19 21.64 -0.44 -12.22
N ARG A 20 20.99 -0.09 -11.12
CA ARG A 20 19.61 -0.53 -10.83
C ARG A 20 18.60 0.23 -11.69
N GLY A 21 17.59 -0.49 -12.17
CA GLY A 21 16.56 0.08 -13.05
C GLY A 21 15.80 1.25 -12.46
N LEU A 22 15.52 2.24 -13.30
CA LEU A 22 14.73 3.41 -12.93
C LEU A 22 13.27 3.02 -12.70
N ILE A 23 12.70 3.51 -11.60
CA ILE A 23 11.25 3.38 -11.36
C ILE A 23 10.60 4.74 -11.63
N THR A 24 9.55 4.76 -12.47
CA THR A 24 8.84 6.01 -12.72
C THR A 24 7.38 5.84 -12.33
N ASP A 25 6.64 6.95 -12.26
CA ASP A 25 5.19 6.85 -12.20
C ASP A 25 4.64 6.52 -13.60
N ARG A 26 3.31 6.49 -13.72
CA ARG A 26 2.70 6.08 -14.99
C ARG A 26 2.97 7.05 -16.14
N ASN A 27 3.34 8.29 -15.80
CA ASN A 27 3.64 9.33 -16.79
C ASN A 27 5.14 9.61 -16.97
N GLY A 28 5.98 8.73 -16.42
CA GLY A 28 7.43 8.84 -16.57
C GLY A 28 8.14 9.73 -15.56
N GLU A 29 7.44 10.23 -14.54
CA GLU A 29 8.11 10.99 -13.47
C GLU A 29 9.00 10.06 -12.65
N PRO A 30 10.30 10.38 -12.49
CA PRO A 30 11.18 9.50 -11.73
C PRO A 30 10.80 9.37 -10.25
N LEU A 31 10.79 8.13 -9.76
CA LEU A 31 10.46 7.83 -8.36
C LEU A 31 11.59 7.11 -7.61
N ALA A 32 12.41 6.36 -8.33
CA ALA A 32 13.60 5.75 -7.72
C ALA A 32 14.73 5.76 -8.74
N VAL A 33 15.84 6.41 -8.38
CA VAL A 33 16.93 6.67 -9.32
C VAL A 33 18.24 6.21 -8.69
N SER A 34 18.95 5.34 -9.41
CA SER A 34 20.28 4.88 -9.01
C SER A 34 21.29 6.00 -9.10
N THR A 35 21.94 6.27 -7.97
CA THR A 35 22.86 7.41 -7.84
C THR A 35 24.27 6.88 -7.56
N PRO A 36 25.26 7.31 -8.36
CA PRO A 36 26.64 6.89 -8.14
C PRO A 36 27.15 7.32 -6.77
N VAL A 37 27.70 6.37 -6.01
CA VAL A 37 28.36 6.67 -4.73
C VAL A 37 29.76 6.05 -4.70
N THR A 38 30.62 6.60 -3.85
CA THR A 38 32.01 6.15 -3.74
C THR A 38 32.21 5.44 -2.41
N THR A 39 32.58 4.17 -2.47
CA THR A 39 32.94 3.43 -1.27
C THR A 39 34.46 3.29 -1.21
N LEU A 40 35.02 3.64 -0.05
CA LEU A 40 36.46 3.56 0.15
C LEU A 40 36.81 2.31 0.92
N TRP A 41 37.78 1.57 0.38
CA TRP A 41 38.31 0.39 1.07
C TRP A 41 39.81 0.49 1.12
N ALA A 42 40.43 -0.38 1.91
CA ALA A 42 41.88 -0.38 2.04
C ALA A 42 42.46 -1.76 2.27
N ASN A 43 43.69 -1.94 1.79
CA ASN A 43 44.46 -3.12 2.09
C ASN A 43 45.38 -2.84 3.29
N PRO A 44 45.06 -3.40 4.46
CA PRO A 44 45.80 -3.14 5.70
C PRO A 44 47.31 -3.39 5.58
N LYS A 45 47.69 -4.42 4.82
CA LYS A 45 49.10 -4.74 4.62
C LYS A 45 49.86 -3.65 3.84
N GLU A 46 49.18 -3.04 2.87
CA GLU A 46 49.72 -1.90 2.14
C GLU A 46 49.75 -0.64 3.01
N LEU A 47 48.77 -0.51 3.90
CA LEU A 47 48.69 0.61 4.84
C LEU A 47 49.84 0.57 5.86
N MET A 48 50.32 -0.64 6.15
CA MET A 48 51.40 -0.86 7.11
C MET A 48 52.73 -0.24 6.67
N THR A 49 52.83 0.12 5.39
CA THR A 49 54.06 0.69 4.84
C THR A 49 54.03 2.23 4.79
N ALA A 50 52.92 2.81 5.26
CA ALA A 50 52.73 4.26 5.22
C ALA A 50 52.04 4.79 6.47
N LYS A 51 52.50 4.33 7.63
CA LYS A 51 51.87 4.67 8.91
C LYS A 51 51.81 6.17 9.22
N GLU A 52 52.79 6.93 8.73
CA GLU A 52 52.79 8.38 8.98
C GLU A 52 51.62 9.09 8.31
N ARG A 53 50.96 8.38 7.38
CA ARG A 53 49.83 8.97 6.67
C ARG A 53 48.49 8.69 7.36
N TRP A 54 48.46 7.74 8.29
CA TRP A 54 47.21 7.29 8.94
C TRP A 54 46.43 8.38 9.65
N PRO A 55 47.10 9.25 10.44
CA PRO A 55 46.31 10.24 11.19
C PRO A 55 45.57 11.23 10.31
N GLN A 56 46.15 11.60 9.17
CA GLN A 56 45.51 12.50 8.24
C GLN A 56 44.34 11.80 7.53
N LEU A 57 44.54 10.51 7.22
CA LEU A 57 43.46 9.66 6.69
C LEU A 57 42.32 9.49 7.70
N ALA A 58 42.67 9.26 8.96
CA ALA A 58 41.66 9.14 10.03
C ALA A 58 40.83 10.41 10.18
N ALA A 59 41.49 11.56 10.17
CA ALA A 59 40.84 12.87 10.33
C ALA A 59 39.90 13.17 9.16
N ALA A 60 40.32 12.80 7.95
CA ALA A 60 39.51 12.95 6.75
C ALA A 60 38.27 12.06 6.80
N LEU A 61 38.36 10.94 7.52
CA LEU A 61 37.22 10.04 7.71
C LEU A 61 36.41 10.38 8.98
N GLY A 62 36.81 11.44 9.67
CA GLY A 62 36.16 11.85 10.93
C GLY A 62 36.34 10.85 12.06
N GLN A 63 37.44 10.10 12.01
CA GLN A 63 37.74 9.05 12.99
C GLN A 63 38.79 9.51 13.98
N ASP A 64 38.69 9.03 15.22
CA ASP A 64 39.75 9.23 16.22
C ASP A 64 41.00 8.49 15.75
N THR A 65 42.15 9.14 15.90
CA THR A 65 43.43 8.61 15.41
C THR A 65 43.77 7.23 16.02
N LYS A 66 43.59 7.06 17.32
CA LYS A 66 43.92 5.80 17.99
C LYS A 66 42.99 4.66 17.56
N LEU A 67 41.68 4.93 17.56
CA LEU A 67 40.67 3.95 17.17
C LEU A 67 40.86 3.49 15.74
N PHE A 68 41.20 4.42 14.86
CA PHE A 68 41.53 4.09 13.46
C PHE A 68 42.79 3.22 13.36
N ALA A 69 43.86 3.64 14.04
CA ALA A 69 45.10 2.86 14.06
C ALA A 69 44.88 1.46 14.65
N ASP A 70 44.07 1.36 15.70
CA ASP A 70 43.72 0.08 16.32
C ASP A 70 43.02 -0.86 15.34
N ARG A 71 42.13 -0.30 14.53
CA ARG A 71 41.35 -1.06 13.56
C ARG A 71 42.26 -1.68 12.48
N ILE A 72 43.20 -0.90 11.98
CA ILE A 72 44.13 -1.37 10.95
C ILE A 72 45.07 -2.45 11.49
N GLU A 73 45.57 -2.24 12.70
CA GLU A 73 46.52 -3.16 13.33
C GLU A 73 45.92 -4.53 13.62
N GLN A 74 44.66 -4.55 14.07
CA GLN A 74 43.97 -5.79 14.39
C GLN A 74 43.46 -6.52 13.14
N ASN A 75 43.48 -5.82 12.00
CA ASN A 75 43.09 -6.41 10.72
C ASN A 75 44.27 -6.56 9.76
N ALA A 76 45.48 -6.63 10.32
CA ALA A 76 46.71 -6.73 9.55
C ALA A 76 46.80 -8.00 8.70
N GLU A 77 46.08 -9.03 9.11
CA GLU A 77 46.02 -10.30 8.37
C GLU A 77 45.16 -10.21 7.11
N ARG A 78 44.10 -9.39 7.18
CA ARG A 78 43.16 -9.23 6.07
C ARG A 78 43.74 -8.41 4.92
N GLU A 79 43.13 -8.54 3.75
CA GLU A 79 43.52 -7.80 2.55
C GLU A 79 42.42 -6.86 2.08
N PHE A 80 41.24 -6.99 2.69
CA PHE A 80 40.10 -6.13 2.37
C PHE A 80 39.43 -5.62 3.65
N ILE A 81 39.38 -4.31 3.78
CA ILE A 81 38.72 -3.64 4.90
C ILE A 81 37.96 -2.43 4.36
N TYR A 82 36.66 -2.34 4.70
CA TYR A 82 35.87 -1.16 4.36
C TYR A 82 36.33 0.02 5.21
N LEU A 83 36.46 1.19 4.58
CA LEU A 83 36.71 2.43 5.33
C LEU A 83 35.40 3.15 5.58
N VAL A 84 34.66 3.37 4.49
CA VAL A 84 33.34 4.01 4.53
C VAL A 84 32.58 3.65 3.24
N ARG A 85 31.30 3.33 3.39
CA ARG A 85 30.48 2.99 2.23
C ARG A 85 29.51 4.11 1.88
N GLY A 86 29.33 4.32 0.58
CA GLY A 86 28.26 5.17 0.07
C GLY A 86 28.42 6.67 0.23
N LEU A 87 29.68 7.13 0.25
CA LEU A 87 29.95 8.56 0.22
C LEU A 87 29.59 9.13 -1.16
N THR A 88 29.25 10.40 -1.20
CA THR A 88 29.12 11.10 -2.48
C THR A 88 30.49 11.10 -3.16
N PRO A 89 30.52 11.02 -4.51
CA PRO A 89 31.79 11.09 -5.25
C PRO A 89 32.59 12.37 -4.97
N GLU A 90 31.94 13.37 -4.35
CA GLU A 90 32.61 14.60 -3.93
C GLU A 90 33.44 14.38 -2.67
N GLN A 91 32.85 13.70 -1.69
CA GLN A 91 33.53 13.36 -0.44
C GLN A 91 34.57 12.27 -0.65
N GLY A 92 34.29 11.35 -1.57
CA GLY A 92 35.20 10.26 -1.90
C GLY A 92 36.53 10.70 -2.49
N GLU A 93 36.50 11.72 -3.34
CA GLU A 93 37.71 12.25 -3.98
C GLU A 93 38.58 13.07 -3.01
N GLY A 94 37.96 13.68 -2.00
CA GLY A 94 38.67 14.41 -0.96
C GLY A 94 39.56 13.53 -0.11
N VAL A 95 39.20 12.26 0.01
CA VAL A 95 40.01 11.26 0.71
C VAL A 95 41.03 10.65 -0.25
N ILE A 96 40.60 10.37 -1.48
CA ILE A 96 41.49 9.89 -2.55
C ILE A 96 42.64 10.87 -2.83
N ALA A 97 42.36 12.17 -2.64
CA ALA A 97 43.33 13.25 -2.87
C ALA A 97 44.52 13.25 -1.89
N LEU A 98 44.40 12.52 -0.79
CA LEU A 98 45.51 12.37 0.17
C LEU A 98 46.61 11.47 -0.38
N LYS A 99 46.25 10.65 -1.36
CA LYS A 99 47.20 9.72 -2.02
C LYS A 99 47.86 8.78 -1.03
N VAL A 100 47.07 8.24 -0.10
CA VAL A 100 47.58 7.27 0.87
C VAL A 100 47.75 5.92 0.20
N PRO A 101 48.97 5.35 0.24
CA PRO A 101 49.22 4.00 -0.26
C PRO A 101 48.29 2.98 0.38
N GLY A 102 47.63 2.16 -0.45
CA GLY A 102 46.76 1.10 0.05
C GLY A 102 45.29 1.49 0.21
N VAL A 103 44.94 2.72 -0.15
CA VAL A 103 43.57 3.20 -0.08
C VAL A 103 42.95 3.20 -1.47
N TYR A 104 41.81 2.53 -1.61
CA TYR A 104 41.18 2.37 -2.92
C TYR A 104 39.68 2.70 -2.90
N SER A 105 39.15 2.99 -4.08
CA SER A 105 37.75 3.36 -4.24
C SER A 105 37.06 2.45 -5.24
N ILE A 106 35.82 2.09 -4.97
CA ILE A 106 34.97 1.44 -5.97
C ILE A 106 33.65 2.19 -6.13
N GLU A 107 33.18 2.27 -7.37
CA GLU A 107 31.96 2.98 -7.70
C GLU A 107 30.75 2.08 -7.50
N GLU A 108 29.90 2.45 -6.56
CA GLU A 108 28.68 1.70 -6.24
C GLU A 108 27.45 2.57 -6.53
N PHE A 109 26.27 2.04 -6.20
CA PHE A 109 25.02 2.77 -6.43
C PHE A 109 24.14 2.79 -5.19
N ARG A 110 23.54 3.95 -4.93
CA ARG A 110 22.58 4.12 -3.85
C ARG A 110 21.31 4.76 -4.42
N ARG A 111 20.14 4.31 -3.96
CA ARG A 111 18.87 4.86 -4.42
C ARG A 111 18.61 6.28 -3.90
N PHE A 112 18.18 7.16 -4.81
CA PHE A 112 17.55 8.42 -4.44
C PHE A 112 16.07 8.39 -4.82
N TYR A 113 15.23 8.90 -3.93
CA TYR A 113 13.78 8.87 -4.12
C TYR A 113 13.24 10.31 -4.21
N PRO A 114 13.04 10.81 -5.43
CA PRO A 114 12.72 12.23 -5.61
C PRO A 114 11.44 12.69 -4.91
N ALA A 115 10.42 11.81 -4.84
CA ALA A 115 9.19 12.17 -4.14
C ALA A 115 9.19 11.84 -2.66
N GLY A 116 10.26 11.18 -2.20
CA GLY A 116 10.45 10.91 -0.77
C GLY A 116 9.26 10.27 -0.06
N GLU A 117 8.78 10.91 1.00
CA GLU A 117 7.74 10.31 1.85
C GLU A 117 6.39 10.14 1.18
N VAL A 118 6.15 10.94 0.13
CA VAL A 118 4.87 10.95 -0.60
C VAL A 118 4.49 9.60 -1.20
N VAL A 119 5.48 8.83 -1.64
CA VAL A 119 5.23 7.52 -2.26
C VAL A 119 6.14 6.41 -1.70
N ALA A 120 6.54 6.57 -0.44
CA ALA A 120 7.53 5.68 0.20
C ALA A 120 7.08 4.23 0.32
N HIS A 121 5.83 4.02 0.74
CA HIS A 121 5.32 2.65 0.94
C HIS A 121 5.18 1.89 -0.35
N ALA A 122 4.70 2.55 -1.39
CA ALA A 122 4.49 1.89 -2.68
C ALA A 122 5.81 1.59 -3.40
N VAL A 123 6.69 2.59 -3.48
CA VAL A 123 7.97 2.43 -4.17
C VAL A 123 8.88 1.51 -3.35
N GLY A 124 8.91 1.74 -2.05
CA GLY A 124 9.71 0.90 -1.18
C GLY A 124 11.12 1.40 -0.97
N PHE A 125 12.01 0.48 -0.62
CA PHE A 125 13.29 0.82 0.00
C PHE A 125 14.30 -0.28 -0.34
N THR A 126 15.57 0.07 -0.39
CA THR A 126 16.64 -0.89 -0.68
C THR A 126 17.58 -1.04 0.51
N ASP A 127 18.19 -2.22 0.64
CA ASP A 127 19.09 -2.49 1.76
C ASP A 127 20.50 -1.97 1.49
N VAL A 128 21.42 -2.28 2.40
CA VAL A 128 22.80 -1.81 2.31
C VAL A 128 23.51 -2.21 1.02
N ASP A 129 23.10 -3.33 0.43
CA ASP A 129 23.67 -3.84 -0.81
C ASP A 129 22.89 -3.47 -2.07
N ASP A 130 22.00 -2.48 -1.95
CA ASP A 130 21.19 -2.00 -3.07
C ASP A 130 20.17 -3.04 -3.56
N ARG A 131 19.72 -3.92 -2.67
CA ARG A 131 18.68 -4.89 -3.00
C ARG A 131 17.37 -4.46 -2.38
N GLY A 132 16.25 -4.72 -3.07
CA GLY A 132 14.94 -4.31 -2.56
C GLY A 132 14.59 -5.00 -1.26
N ARG A 133 14.03 -4.26 -0.32
CA ARG A 133 13.59 -4.84 0.95
C ARG A 133 12.16 -4.45 1.36
N GLU A 134 11.58 -3.47 0.66
CA GLU A 134 10.18 -3.12 0.85
C GLU A 134 9.56 -2.71 -0.49
N GLY A 135 8.23 -2.80 -0.58
CA GLY A 135 7.47 -2.28 -1.73
C GLY A 135 7.87 -2.83 -3.09
N ILE A 136 7.69 -2.00 -4.12
CA ILE A 136 8.06 -2.35 -5.50
C ILE A 136 9.54 -2.77 -5.62
N GLU A 137 10.42 -2.07 -4.90
CA GLU A 137 11.85 -2.41 -4.92
C GLU A 137 12.05 -3.90 -4.60
N LEU A 138 11.32 -4.37 -3.60
CA LEU A 138 11.34 -5.79 -3.21
C LEU A 138 10.61 -6.67 -4.22
N ALA A 139 9.37 -6.29 -4.56
CA ALA A 139 8.51 -7.16 -5.38
C ALA A 139 9.08 -7.39 -6.77
N PHE A 140 9.71 -6.36 -7.34
CA PHE A 140 10.31 -6.46 -8.66
C PHE A 140 11.84 -6.46 -8.63
N ASP A 141 12.41 -6.96 -7.53
CA ASP A 141 13.88 -6.94 -7.36
C ASP A 141 14.60 -7.62 -8.51
N GLU A 142 14.08 -8.75 -8.99
CA GLU A 142 14.76 -9.44 -10.10
C GLU A 142 14.82 -8.58 -11.37
N TRP A 143 13.70 -7.92 -11.68
CA TRP A 143 13.60 -7.02 -12.85
C TRP A 143 14.51 -5.83 -12.72
N LEU A 144 14.57 -5.26 -11.52
CA LEU A 144 15.26 -4.01 -11.27
C LEU A 144 16.77 -4.18 -11.08
N ALA A 145 17.19 -5.32 -10.54
CA ALA A 145 18.58 -5.51 -10.10
C ALA A 145 19.59 -5.63 -11.24
N GLY A 146 19.19 -6.26 -12.34
CA GLY A 146 20.15 -6.56 -13.42
C GLY A 146 21.17 -7.61 -12.99
N VAL A 147 22.39 -7.51 -13.54
CA VAL A 147 23.47 -8.47 -13.22
C VAL A 147 24.83 -7.76 -13.03
N PRO A 148 25.50 -7.98 -11.88
CA PRO A 148 26.80 -7.35 -11.65
C PRO A 148 27.88 -7.85 -12.61
N GLY A 149 28.92 -7.04 -12.81
CA GLY A 149 30.07 -7.42 -13.63
C GLY A 149 31.06 -8.24 -12.83
N LYS A 150 31.84 -9.06 -13.54
CA LYS A 150 32.89 -9.87 -12.92
C LYS A 150 34.24 -9.58 -13.58
N ARG A 151 35.21 -9.19 -12.76
CA ARG A 151 36.50 -8.74 -13.24
C ARG A 151 37.62 -9.69 -12.80
N GLN A 152 38.70 -9.73 -13.57
CA GLN A 152 39.88 -10.53 -13.23
C GLN A 152 40.86 -9.69 -12.40
N VAL A 153 41.85 -10.33 -11.79
CA VAL A 153 42.81 -9.63 -10.91
C VAL A 153 44.12 -10.42 -10.73
N LEU A 154 45.09 -9.84 -10.02
CA LEU A 154 46.37 -10.49 -9.72
C LEU A 154 46.87 -10.13 -8.31
N LYS A 155 46.56 -10.97 -7.31
CA LYS A 155 46.84 -10.66 -5.89
C LYS A 155 48.06 -11.38 -5.27
N ASP A 156 48.82 -10.65 -4.46
CA ASP A 156 50.03 -11.18 -3.82
C ASP A 156 49.80 -11.50 -2.32
N ARG A 157 50.86 -11.96 -1.65
CA ARG A 157 50.81 -12.21 -0.20
C ARG A 157 50.68 -10.92 0.62
N ARG A 158 50.93 -9.79 -0.03
CA ARG A 158 50.73 -8.46 0.57
C ARG A 158 49.39 -7.86 0.12
N GLY A 159 48.61 -8.64 -0.62
CA GLY A 159 47.31 -8.19 -1.16
C GLY A 159 47.42 -7.26 -2.35
N ARG A 160 48.64 -7.12 -2.88
CA ARG A 160 48.93 -6.20 -3.98
C ARG A 160 48.36 -6.68 -5.31
N VAL A 161 47.92 -5.72 -6.13
CA VAL A 161 47.46 -5.99 -7.50
C VAL A 161 48.52 -5.50 -8.49
N ILE A 162 48.73 -6.27 -9.56
CA ILE A 162 49.74 -5.90 -10.57
C ILE A 162 49.15 -5.10 -11.75
N LYS A 163 48.28 -5.73 -12.55
CA LYS A 163 47.74 -5.10 -13.75
C LYS A 163 46.30 -5.55 -14.07
N ASP A 164 45.77 -5.06 -15.20
CA ASP A 164 44.41 -5.39 -15.64
C ASP A 164 44.38 -6.38 -16.82
N VAL A 165 44.01 -5.87 -18.01
CA VAL A 165 43.82 -6.68 -19.23
C VAL A 165 42.86 -7.85 -18.96
N GLN A 166 41.56 -7.52 -18.81
CA GLN A 166 40.60 -8.49 -18.28
C GLN A 166 39.12 -8.21 -18.63
N VAL A 167 38.29 -8.22 -17.59
CA VAL A 167 36.81 -8.13 -17.69
C VAL A 167 36.23 -9.33 -18.45
N THR A 168 35.91 -10.39 -17.71
CA THR A 168 35.36 -11.61 -18.29
C THR A 168 33.83 -11.53 -18.43
N LYS A 169 33.21 -10.74 -17.57
CA LYS A 169 31.76 -10.59 -17.53
C LYS A 169 31.38 -9.12 -17.35
N ASN A 170 30.63 -8.59 -18.31
CA ASN A 170 30.21 -7.19 -18.29
C ASN A 170 28.97 -6.98 -17.44
N ALA A 171 28.95 -5.90 -16.67
CA ALA A 171 27.80 -5.55 -15.84
C ALA A 171 26.57 -5.21 -16.68
N LYS A 172 25.47 -5.90 -16.40
CA LYS A 172 24.20 -5.64 -17.07
C LYS A 172 23.29 -4.77 -16.18
N PRO A 173 22.88 -3.60 -16.68
CA PRO A 173 21.98 -2.74 -15.90
C PRO A 173 20.60 -3.37 -15.73
N GLY A 174 19.90 -3.00 -14.66
CA GLY A 174 18.52 -3.43 -14.44
C GLY A 174 17.60 -2.68 -15.39
N LYS A 175 16.33 -3.08 -15.42
CA LYS A 175 15.39 -2.53 -16.40
C LYS A 175 14.46 -1.49 -15.79
N THR A 176 14.07 -0.51 -16.60
CA THR A 176 13.11 0.53 -16.19
C THR A 176 11.73 -0.08 -15.90
N LEU A 177 11.04 0.49 -14.91
CA LEU A 177 9.70 0.05 -14.52
C LEU A 177 8.78 1.27 -14.33
N ALA A 178 7.65 1.27 -15.03
CA ALA A 178 6.64 2.32 -14.86
C ALA A 178 5.50 1.79 -13.99
N LEU A 179 5.27 2.45 -12.86
CA LEU A 179 4.20 2.06 -11.94
C LEU A 179 2.85 2.49 -12.48
N SER A 180 1.78 1.94 -11.89
CA SER A 180 0.41 2.37 -12.20
C SER A 180 0.09 3.71 -11.51
N ILE A 181 0.82 4.01 -10.44
CA ILE A 181 0.65 5.24 -9.67
C ILE A 181 0.77 6.49 -10.54
N ASP A 182 -0.15 7.45 -10.34
CA ASP A 182 -0.08 8.76 -10.94
C ASP A 182 0.39 9.69 -9.83
N LEU A 183 1.60 10.25 -9.95
CA LEU A 183 2.17 11.05 -8.86
C LEU A 183 1.30 12.25 -8.50
N ARG A 184 0.57 12.77 -9.48
CA ARG A 184 -0.36 13.89 -9.23
C ARG A 184 -1.46 13.49 -8.25
N LEU A 185 -2.08 12.33 -8.49
CA LEU A 185 -3.12 11.80 -7.61
C LEU A 185 -2.53 11.32 -6.28
N GLN A 186 -1.32 10.76 -6.34
CA GLN A 186 -0.60 10.31 -5.16
C GLN A 186 -0.34 11.46 -4.19
N TYR A 187 0.15 12.60 -4.72
CA TYR A 187 0.37 13.78 -3.87
C TYR A 187 -0.93 14.28 -3.23
N LEU A 188 -1.98 14.43 -4.03
CA LEU A 188 -3.30 14.81 -3.52
C LEU A 188 -3.76 13.87 -2.40
N ALA A 189 -3.67 12.55 -2.63
CA ALA A 189 -4.10 11.57 -1.63
C ALA A 189 -3.25 11.67 -0.36
N HIS A 190 -1.93 11.74 -0.52
CA HIS A 190 -1.00 11.93 0.60
C HIS A 190 -1.37 13.13 1.44
N ARG A 191 -1.53 14.28 0.78
CA ARG A 191 -1.83 15.54 1.49
C ARG A 191 -3.15 15.48 2.25
N GLU A 192 -4.20 14.98 1.60
CA GLU A 192 -5.52 14.90 2.26
C GLU A 192 -5.60 13.87 3.40
N LEU A 193 -4.92 12.74 3.26
CA LEU A 193 -4.90 11.76 4.35
C LEU A 193 -4.11 12.28 5.54
N ARG A 194 -2.95 12.90 5.28
CA ARG A 194 -2.18 13.51 6.35
C ARG A 194 -3.01 14.54 7.12
N ASN A 195 -3.66 15.44 6.40
CA ASN A 195 -4.51 16.49 7.00
C ASN A 195 -5.63 15.91 7.86
N ALA A 196 -6.25 14.84 7.36
CA ALA A 196 -7.33 14.15 8.07
C ALA A 196 -6.84 13.51 9.36
N LEU A 197 -5.65 12.89 9.29
CA LEU A 197 -5.04 12.24 10.45
C LEU A 197 -4.84 13.25 11.57
N LEU A 198 -4.23 14.38 11.22
CA LEU A 198 -3.94 15.45 12.17
C LEU A 198 -5.19 16.10 12.75
N GLU A 199 -6.15 16.40 11.89
CA GLU A 199 -7.42 17.01 12.29
C GLU A 199 -8.21 16.12 13.27
N ASN A 200 -8.13 14.80 13.06
CA ASN A 200 -8.83 13.84 13.91
C ASN A 200 -7.99 13.24 15.03
N GLY A 201 -6.72 13.65 15.11
CA GLY A 201 -5.78 13.07 16.07
C GLY A 201 -5.76 11.56 16.01
N ALA A 202 -5.75 11.02 14.79
CA ALA A 202 -5.79 9.58 14.55
C ALA A 202 -4.40 8.95 14.65
N LYS A 203 -4.37 7.64 14.89
CA LYS A 203 -3.13 6.89 15.02
C LYS A 203 -2.51 6.53 13.66
N ALA A 204 -3.35 6.16 12.70
CA ALA A 204 -2.89 5.72 11.38
C ALA A 204 -4.00 5.83 10.35
N GLY A 205 -3.65 5.67 9.07
CA GLY A 205 -4.64 5.66 8.01
C GLY A 205 -4.11 5.10 6.71
N SER A 206 -5.01 4.69 5.83
CA SER A 206 -4.67 4.24 4.48
C SER A 206 -5.68 4.80 3.50
N LEU A 207 -5.23 5.04 2.27
CA LEU A 207 -6.11 5.49 1.20
C LEU A 207 -5.61 4.84 -0.09
N VAL A 208 -6.54 4.22 -0.81
CA VAL A 208 -6.23 3.58 -2.09
C VAL A 208 -7.21 4.12 -3.14
N ILE A 209 -6.67 4.52 -4.30
CA ILE A 209 -7.44 4.88 -5.48
C ILE A 209 -7.14 3.85 -6.56
N MET A 210 -8.20 3.30 -7.15
CA MET A 210 -8.07 2.33 -8.24
C MET A 210 -8.84 2.76 -9.49
N ASP A 211 -8.29 2.43 -10.66
CA ASP A 211 -9.00 2.61 -11.92
C ASP A 211 -9.89 1.39 -12.10
N VAL A 212 -11.20 1.57 -12.12
CA VAL A 212 -12.12 0.42 -12.15
C VAL A 212 -12.12 -0.32 -13.50
N LYS A 213 -11.62 0.35 -14.54
CA LYS A 213 -11.62 -0.20 -15.88
C LYS A 213 -10.37 -1.02 -16.20
N THR A 214 -9.26 -0.72 -15.52
CA THR A 214 -7.97 -1.33 -15.89
C THR A 214 -7.33 -2.13 -14.77
N GLY A 215 -7.91 -2.05 -13.57
CA GLY A 215 -7.35 -2.71 -12.37
C GLY A 215 -6.12 -2.01 -11.80
N GLU A 216 -5.79 -0.84 -12.34
CA GLU A 216 -4.58 -0.13 -11.89
C GLU A 216 -4.74 0.60 -10.58
N ILE A 217 -3.74 0.46 -9.70
CA ILE A 217 -3.66 1.24 -8.48
C ILE A 217 -3.10 2.63 -8.82
N LEU A 218 -3.94 3.65 -8.75
CA LEU A 218 -3.55 5.01 -9.15
C LEU A 218 -2.90 5.80 -8.00
N ALA A 219 -3.25 5.42 -6.76
CA ALA A 219 -2.66 6.01 -5.57
C ALA A 219 -2.78 5.02 -4.43
N MET A 220 -1.75 4.99 -3.60
CA MET A 220 -1.73 4.17 -2.38
C MET A 220 -0.86 4.88 -1.36
N THR A 221 -1.49 5.42 -0.32
CA THR A 221 -0.79 6.21 0.71
C THR A 221 -1.19 5.74 2.11
N ASN A 222 -0.23 5.78 3.02
CA ASN A 222 -0.51 5.50 4.43
C ASN A 222 0.11 6.56 5.33
N GLN A 223 -0.47 6.68 6.53
CA GLN A 223 0.12 7.41 7.65
C GLN A 223 0.23 6.43 8.82
N PRO A 224 1.34 6.48 9.57
CA PRO A 224 2.50 7.34 9.37
C PRO A 224 3.31 6.91 8.14
N THR A 225 4.14 7.83 7.64
CA THR A 225 5.05 7.52 6.55
C THR A 225 6.49 7.88 6.97
N TYR A 226 7.42 7.86 6.03
CA TYR A 226 8.84 8.11 6.33
C TYR A 226 9.57 8.58 5.09
N ASN A 227 10.74 9.20 5.29
CA ASN A 227 11.56 9.65 4.17
C ASN A 227 12.59 8.57 3.85
N PRO A 228 12.43 7.90 2.71
CA PRO A 228 13.29 6.77 2.34
C PRO A 228 14.71 7.23 1.96
N ASN A 229 14.93 8.55 1.88
CA ASN A 229 16.27 9.10 1.68
C ASN A 229 17.04 9.28 2.99
N ASN A 230 16.34 9.17 4.12
CA ASN A 230 16.99 9.19 5.43
C ASN A 230 17.21 7.78 5.97
N ARG A 231 18.41 7.24 5.72
CA ARG A 231 18.75 5.86 6.04
C ARG A 231 19.23 5.67 7.48
N ARG A 232 18.94 6.68 8.32
CA ARG A 232 19.37 6.69 9.71
C ARG A 232 18.22 6.45 10.69
N ASN A 233 17.03 6.99 10.36
CA ASN A 233 15.88 6.96 11.26
C ASN A 233 15.40 5.55 11.64
N LEU A 234 15.21 4.69 10.63
CA LEU A 234 14.88 3.26 10.83
C LEU A 234 13.72 2.98 11.79
N GLN A 235 12.53 3.50 11.47
CA GLN A 235 11.35 3.28 12.30
C GLN A 235 10.37 2.30 11.65
N PRO A 236 10.33 1.05 12.16
CA PRO A 236 9.55 -0.04 11.56
C PRO A 236 8.06 0.25 11.38
N ALA A 237 7.43 0.88 12.37
CA ALA A 237 6.00 1.18 12.32
C ALA A 237 5.66 2.15 11.19
N ALA A 238 6.52 3.13 10.95
CA ALA A 238 6.32 4.13 9.92
C ALA A 238 6.58 3.59 8.50
N MET A 239 7.30 2.46 8.43
CA MET A 239 7.65 1.85 7.14
C MET A 239 6.59 0.83 6.69
N ARG A 240 5.57 0.60 7.50
CA ARG A 240 4.55 -0.41 7.20
C ARG A 240 3.62 0.09 6.10
N ASN A 241 3.53 -0.67 5.00
CA ASN A 241 2.56 -0.34 3.95
C ASN A 241 1.21 -0.89 4.36
N ARG A 242 0.51 -0.12 5.21
CA ARG A 242 -0.68 -0.61 5.90
C ARG A 242 -1.78 -1.06 4.95
N ALA A 243 -1.87 -0.40 3.79
CA ALA A 243 -2.89 -0.71 2.76
C ALA A 243 -2.79 -2.16 2.27
N MET A 244 -1.60 -2.75 2.38
CA MET A 244 -1.33 -4.08 1.88
C MET A 244 -1.02 -5.11 2.98
N ILE A 245 -0.60 -4.64 4.16
CA ILE A 245 -0.15 -5.59 5.19
C ILE A 245 -0.98 -5.61 6.48
N ASP A 246 -1.83 -4.60 6.68
CA ASP A 246 -2.63 -4.53 7.90
C ASP A 246 -4.09 -4.91 7.65
N VAL A 247 -4.51 -6.02 8.25
CA VAL A 247 -5.86 -6.52 8.06
C VAL A 247 -6.83 -5.92 9.09
N PHE A 248 -8.10 -5.83 8.71
CA PHE A 248 -9.11 -5.23 9.57
C PHE A 248 -10.51 -5.78 9.23
N GLU A 249 -11.42 -5.71 10.18
CA GLU A 249 -12.83 -6.01 9.90
C GLU A 249 -13.44 -4.80 9.15
N PRO A 250 -13.96 -5.04 7.93
CA PRO A 250 -14.43 -3.93 7.10
C PRO A 250 -15.80 -3.38 7.52
N GLY A 251 -16.49 -4.12 8.38
CA GLY A 251 -17.78 -3.65 8.90
C GLY A 251 -18.78 -3.39 7.80
N SER A 252 -19.55 -2.32 7.95
CA SER A 252 -20.69 -2.03 7.06
C SER A 252 -20.35 -1.71 5.61
N THR A 253 -19.07 -1.50 5.32
CA THR A 253 -18.63 -1.39 3.92
C THR A 253 -18.82 -2.67 3.08
N VAL A 254 -19.13 -3.81 3.72
CA VAL A 254 -19.40 -5.02 2.92
C VAL A 254 -20.90 -5.27 2.70
N LYS A 255 -21.75 -4.43 3.29
CA LYS A 255 -23.20 -4.55 3.08
C LYS A 255 -23.64 -4.50 1.60
N PRO A 256 -22.97 -3.68 0.75
CA PRO A 256 -23.36 -3.73 -0.67
C PRO A 256 -23.16 -5.11 -1.32
N PHE A 257 -22.22 -5.90 -0.79
CA PHE A 257 -22.02 -7.27 -1.27
C PHE A 257 -23.08 -8.23 -0.75
N SER A 258 -23.45 -8.10 0.51
CA SER A 258 -24.60 -8.82 1.03
C SER A 258 -25.86 -8.50 0.19
N MET A 259 -26.01 -7.23 -0.17
CA MET A 259 -27.18 -6.80 -0.95
C MET A 259 -27.13 -7.39 -2.37
N SER A 260 -25.93 -7.46 -2.95
CA SER A 260 -25.76 -8.11 -4.26
C SER A 260 -26.24 -9.55 -4.24
N ALA A 261 -25.85 -10.28 -3.20
CA ALA A 261 -26.35 -11.66 -2.99
C ALA A 261 -27.88 -11.71 -2.88
N ALA A 262 -28.46 -10.77 -2.13
CA ALA A 262 -29.93 -10.73 -1.99
C ALA A 262 -30.63 -10.51 -3.32
N LEU A 263 -30.12 -9.58 -4.12
CA LEU A 263 -30.73 -9.26 -5.41
C LEU A 263 -30.52 -10.36 -6.44
N ALA A 264 -29.46 -11.13 -6.27
CA ALA A 264 -29.16 -12.24 -7.18
C ALA A 264 -29.96 -13.49 -6.83
N SER A 265 -30.53 -13.52 -5.62
CA SER A 265 -31.20 -14.72 -5.09
C SER A 265 -32.53 -15.02 -5.79
N GLY A 266 -33.16 -13.97 -6.31
CA GLY A 266 -34.50 -14.08 -6.87
C GLY A 266 -35.57 -13.69 -5.88
N ARG A 267 -35.18 -13.43 -4.63
CA ARG A 267 -36.12 -13.25 -3.53
C ARG A 267 -36.29 -11.80 -3.09
N TRP A 268 -35.48 -10.90 -3.61
CA TRP A 268 -35.45 -9.50 -3.16
C TRP A 268 -35.37 -8.50 -4.28
N LYS A 269 -36.14 -7.42 -4.17
CA LYS A 269 -36.02 -6.24 -5.02
C LYS A 269 -35.82 -5.00 -4.14
N PRO A 270 -35.20 -3.94 -4.69
CA PRO A 270 -34.91 -2.76 -3.85
C PRO A 270 -36.12 -2.19 -3.11
N SER A 271 -37.31 -2.28 -3.72
CA SER A 271 -38.53 -1.75 -3.09
C SER A 271 -39.17 -2.69 -2.06
N ASP A 272 -38.68 -3.93 -1.95
CA ASP A 272 -39.12 -4.83 -0.88
C ASP A 272 -38.80 -4.23 0.49
N ILE A 273 -39.51 -4.71 1.50
CA ILE A 273 -39.50 -4.14 2.84
C ILE A 273 -38.97 -5.15 3.87
N VAL A 274 -38.21 -4.67 4.86
CA VAL A 274 -37.86 -5.45 6.06
C VAL A 274 -38.37 -4.68 7.27
N ASP A 275 -38.97 -5.41 8.22
CA ASP A 275 -39.37 -4.81 9.50
C ASP A 275 -38.19 -4.92 10.49
N VAL A 276 -37.62 -3.78 10.85
CA VAL A 276 -36.44 -3.75 11.73
C VAL A 276 -36.77 -3.31 13.16
N TYR A 277 -38.06 -3.05 13.43
CA TYR A 277 -38.51 -2.70 14.78
C TYR A 277 -38.19 -3.86 15.75
N PRO A 278 -37.69 -3.56 16.97
CA PRO A 278 -37.45 -2.24 17.58
C PRO A 278 -36.00 -1.72 17.49
N GLY A 279 -35.28 -2.10 16.43
CA GLY A 279 -33.89 -1.68 16.27
C GLY A 279 -32.87 -2.62 16.88
N THR A 280 -33.35 -3.73 17.46
CA THR A 280 -32.51 -4.81 17.98
C THR A 280 -33.10 -6.16 17.58
N LEU A 281 -32.25 -7.18 17.53
CA LEU A 281 -32.69 -8.54 17.25
C LEU A 281 -31.84 -9.53 18.02
N GLN A 282 -32.47 -10.31 18.89
CA GLN A 282 -31.78 -11.31 19.69
C GLN A 282 -31.57 -12.61 18.92
N ILE A 283 -30.34 -13.09 18.91
CA ILE A 283 -30.00 -14.38 18.33
C ILE A 283 -29.23 -15.16 19.39
N GLY A 284 -29.95 -16.01 20.13
CA GLY A 284 -29.37 -16.70 21.28
C GLY A 284 -28.87 -15.67 22.29
N ARG A 285 -27.60 -15.77 22.65
CA ARG A 285 -27.00 -14.83 23.60
C ARG A 285 -26.41 -13.58 22.95
N TYR A 286 -26.52 -13.46 21.63
CA TYR A 286 -26.00 -12.31 20.89
C TYR A 286 -27.13 -11.34 20.50
N THR A 287 -26.87 -10.03 20.60
CA THR A 287 -27.83 -9.00 20.20
C THR A 287 -27.32 -8.18 19.02
N ILE A 288 -28.05 -8.25 17.90
CA ILE A 288 -27.81 -7.35 16.77
C ILE A 288 -28.46 -6.01 17.08
N ARG A 289 -27.72 -4.91 16.91
CA ARG A 289 -28.20 -3.57 17.27
C ARG A 289 -27.95 -2.55 16.17
N ASP A 290 -28.95 -1.72 15.89
CA ASP A 290 -28.80 -0.57 15.01
C ASP A 290 -28.46 0.65 15.84
N VAL A 291 -27.75 1.60 15.23
CA VAL A 291 -27.46 2.88 15.89
C VAL A 291 -28.73 3.71 16.03
N SER A 292 -29.50 3.80 14.95
CA SER A 292 -30.76 4.53 14.94
C SER A 292 -31.90 3.51 15.08
N ARG A 293 -32.69 3.64 16.14
CA ARG A 293 -33.68 2.59 16.46
C ARG A 293 -35.10 3.14 16.50
N ASN A 294 -35.43 3.96 15.49
CA ASN A 294 -36.79 4.52 15.35
C ASN A 294 -37.38 4.13 14.00
N SER A 295 -37.15 2.89 13.57
CA SER A 295 -37.67 2.42 12.29
C SER A 295 -38.51 1.18 12.47
N ARG A 296 -39.49 1.01 11.58
CA ARG A 296 -40.23 -0.24 11.45
C ARG A 296 -39.94 -0.77 10.05
N GLN A 297 -40.78 -0.42 9.07
CA GLN A 297 -40.53 -0.91 7.71
C GLN A 297 -39.46 -0.05 7.04
N LEU A 298 -38.42 -0.71 6.51
CA LEU A 298 -37.39 -0.04 5.71
C LEU A 298 -37.28 -0.75 4.37
N ASP A 299 -37.16 -0.01 3.29
CA ASP A 299 -36.87 -0.68 2.01
C ASP A 299 -35.38 -1.01 1.90
N LEU A 300 -35.01 -1.77 0.88
CA LEU A 300 -33.62 -2.24 0.81
C LEU A 300 -32.64 -1.09 0.65
N THR A 301 -33.04 -0.05 -0.09
CA THR A 301 -32.21 1.15 -0.19
C THR A 301 -32.05 1.87 1.15
N GLY A 302 -33.14 1.97 1.91
CA GLY A 302 -33.13 2.51 3.26
C GLY A 302 -32.26 1.74 4.23
N ILE A 303 -32.20 0.41 4.09
CA ILE A 303 -31.30 -0.42 4.90
C ILE A 303 -29.83 0.04 4.70
N LEU A 304 -29.47 0.34 3.46
CA LEU A 304 -28.11 0.83 3.18
C LEU A 304 -27.87 2.29 3.60
N ILE A 305 -28.84 3.18 3.36
CA ILE A 305 -28.72 4.58 3.79
C ILE A 305 -28.54 4.71 5.30
N LYS A 306 -29.46 4.10 6.06
CA LYS A 306 -29.40 4.11 7.52
C LYS A 306 -28.34 3.18 8.11
N SER A 307 -27.88 2.22 7.30
CA SER A 307 -26.94 1.19 7.71
C SER A 307 -27.51 0.32 8.83
N SER A 308 -28.67 -0.28 8.56
CA SER A 308 -29.33 -1.14 9.54
C SER A 308 -28.69 -2.52 9.59
N ASN A 309 -28.02 -2.82 10.69
CA ASN A 309 -27.51 -4.17 10.95
C ASN A 309 -28.63 -5.18 11.06
N VAL A 310 -29.73 -4.78 11.68
CA VAL A 310 -30.90 -5.65 11.81
C VAL A 310 -31.43 -6.01 10.41
N GLY A 311 -31.60 -4.99 9.57
CA GLY A 311 -32.17 -5.15 8.23
C GLY A 311 -31.34 -6.10 7.38
N ILE A 312 -30.04 -5.87 7.34
CA ILE A 312 -29.17 -6.74 6.54
C ILE A 312 -29.11 -8.15 7.11
N SER A 313 -29.18 -8.28 8.43
CA SER A 313 -29.17 -9.61 9.07
C SER A 313 -30.40 -10.45 8.71
N LYS A 314 -31.58 -9.82 8.76
CA LYS A 314 -32.82 -10.53 8.38
C LYS A 314 -32.81 -10.98 6.92
N ILE A 315 -32.28 -10.15 6.04
CA ILE A 315 -32.11 -10.51 4.63
C ILE A 315 -31.15 -11.72 4.52
N ALA A 316 -30.06 -11.69 5.29
CA ALA A 316 -29.10 -12.78 5.28
C ALA A 316 -29.69 -14.12 5.75
N PHE A 317 -30.54 -14.09 6.77
CA PHE A 317 -31.21 -15.31 7.23
C PHE A 317 -32.10 -15.90 6.14
N ASP A 318 -32.71 -15.02 5.36
CA ASP A 318 -33.61 -15.40 4.28
C ASP A 318 -32.87 -16.04 3.11
N ILE A 319 -31.76 -15.44 2.69
CA ILE A 319 -31.06 -15.93 1.49
C ILE A 319 -29.98 -16.98 1.80
N GLY A 320 -29.51 -17.02 3.04
CA GLY A 320 -28.45 -17.93 3.45
C GLY A 320 -27.06 -17.32 3.34
N ALA A 321 -26.20 -17.65 4.31
CA ALA A 321 -24.84 -17.13 4.34
C ALA A 321 -23.99 -17.57 3.15
N GLU A 322 -24.28 -18.76 2.61
CA GLU A 322 -23.50 -19.28 1.48
C GLU A 322 -23.48 -18.31 0.29
N SER A 323 -24.63 -17.73 -0.03
CA SER A 323 -24.75 -16.79 -1.15
C SER A 323 -23.92 -15.53 -0.91
N ILE A 324 -23.87 -15.09 0.35
CA ILE A 324 -23.11 -13.90 0.73
C ILE A 324 -21.61 -14.20 0.70
N TYR A 325 -21.22 -15.32 1.29
CA TYR A 325 -19.83 -15.77 1.25
C TYR A 325 -19.31 -15.82 -0.18
N SER A 326 -20.13 -16.40 -1.06
CA SER A 326 -19.79 -16.52 -2.47
C SER A 326 -19.50 -15.19 -3.15
N VAL A 327 -20.33 -14.18 -2.89
CA VAL A 327 -20.09 -12.87 -3.49
C VAL A 327 -18.77 -12.28 -2.96
N MET A 328 -18.58 -12.33 -1.64
CA MET A 328 -17.38 -11.74 -1.05
C MET A 328 -16.10 -12.42 -1.53
N GLN A 329 -16.16 -13.74 -1.67
CA GLN A 329 -15.01 -14.53 -2.15
C GLN A 329 -14.71 -14.16 -3.61
N GLN A 330 -15.76 -14.05 -4.43
CA GLN A 330 -15.61 -13.75 -5.85
C GLN A 330 -15.06 -12.35 -6.13
N VAL A 331 -15.39 -11.39 -5.27
CA VAL A 331 -14.87 -10.03 -5.42
C VAL A 331 -13.48 -9.87 -4.80
N GLY A 332 -13.02 -10.89 -4.09
CA GLY A 332 -11.60 -10.97 -3.65
C GLY A 332 -11.33 -10.70 -2.17
N LEU A 333 -12.38 -10.59 -1.37
CA LEU A 333 -12.21 -10.30 0.04
C LEU A 333 -11.60 -11.51 0.76
N GLY A 334 -10.49 -11.30 1.46
CA GLY A 334 -9.77 -12.40 2.09
C GLY A 334 -9.09 -13.37 1.12
N GLN A 335 -8.92 -12.94 -0.12
CA GLN A 335 -8.33 -13.77 -1.17
C GLN A 335 -7.00 -13.17 -1.64
N ASP A 336 -6.08 -14.03 -2.06
CA ASP A 336 -4.81 -13.60 -2.66
C ASP A 336 -5.02 -12.60 -3.80
N THR A 337 -4.32 -11.46 -3.77
CA THR A 337 -4.47 -10.43 -4.79
C THR A 337 -3.67 -10.74 -6.05
N GLY A 338 -2.74 -11.69 -5.95
CA GLY A 338 -1.83 -12.00 -7.04
C GLY A 338 -0.76 -10.96 -7.32
N LEU A 339 -0.62 -9.96 -6.45
CA LEU A 339 0.36 -8.90 -6.69
C LEU A 339 1.79 -9.37 -6.41
N GLY A 340 1.91 -10.37 -5.56
CA GLY A 340 3.21 -10.99 -5.26
C GLY A 340 4.19 -10.11 -4.51
N PHE A 341 3.68 -9.25 -3.65
CA PHE A 341 4.53 -8.50 -2.71
C PHE A 341 4.79 -9.40 -1.50
N PRO A 342 6.07 -9.78 -1.23
CA PRO A 342 6.30 -10.62 -0.06
C PRO A 342 5.83 -9.95 1.23
N GLY A 343 5.17 -10.72 2.09
CA GLY A 343 4.64 -10.16 3.35
C GLY A 343 3.28 -9.49 3.20
N GLU A 344 2.79 -9.39 1.98
CA GLU A 344 1.41 -8.95 1.74
C GLU A 344 0.49 -9.89 2.52
N ARG A 345 -0.52 -9.32 3.17
CA ARG A 345 -1.44 -10.13 3.98
C ARG A 345 -2.70 -10.43 3.15
N VAL A 346 -3.22 -11.65 3.28
CA VAL A 346 -4.41 -12.12 2.53
C VAL A 346 -5.67 -11.95 3.37
N GLY A 347 -5.52 -11.90 4.69
CA GLY A 347 -6.66 -11.83 5.61
C GLY A 347 -7.40 -13.16 5.66
N ASN A 348 -8.69 -13.11 6.01
CA ASN A 348 -9.45 -14.33 6.23
C ASN A 348 -10.93 -14.12 5.99
N LEU A 349 -11.51 -15.00 5.19
CA LEU A 349 -12.95 -15.02 4.98
C LEU A 349 -13.47 -16.33 5.56
N PRO A 350 -14.23 -16.26 6.68
CA PRO A 350 -14.61 -17.50 7.36
C PRO A 350 -15.54 -18.33 6.47
N ASN A 351 -15.49 -19.64 6.63
CA ASN A 351 -16.37 -20.54 5.90
C ASN A 351 -16.91 -21.65 6.80
N HIS A 352 -18.08 -22.15 6.41
CA HIS A 352 -18.79 -23.17 7.18
C HIS A 352 -19.50 -24.07 6.23
N ARG A 353 -19.75 -25.30 6.66
CA ARG A 353 -20.64 -26.21 5.94
C ARG A 353 -22.07 -25.92 6.40
N LYS A 354 -22.25 -25.79 7.71
CA LYS A 354 -23.49 -25.32 8.28
C LYS A 354 -23.24 -24.01 9.00
N TRP A 355 -23.78 -22.92 8.45
CA TRP A 355 -23.65 -21.59 9.01
C TRP A 355 -24.59 -21.38 10.16
N PRO A 356 -24.05 -21.08 11.36
CA PRO A 356 -24.96 -20.73 12.45
C PRO A 356 -25.50 -19.32 12.26
N LYS A 357 -26.63 -19.02 12.91
CA LYS A 357 -27.30 -17.74 12.72
C LYS A 357 -26.46 -16.52 13.11
N ALA A 358 -25.73 -16.59 14.22
CA ALA A 358 -24.92 -15.45 14.64
C ALA A 358 -23.82 -15.11 13.62
N GLU A 359 -23.15 -16.14 13.10
CA GLU A 359 -22.09 -15.97 12.10
C GLU A 359 -22.61 -15.47 10.76
N THR A 360 -23.84 -15.86 10.42
CA THR A 360 -24.51 -15.40 9.21
C THR A 360 -24.75 -13.89 9.28
N ALA A 361 -25.30 -13.43 10.39
CA ALA A 361 -25.57 -12.02 10.62
C ALA A 361 -24.29 -11.20 10.60
N THR A 362 -23.30 -11.60 11.40
CA THR A 362 -22.05 -10.84 11.48
C THR A 362 -21.33 -10.73 10.13
N LEU A 363 -21.31 -11.83 9.38
CA LEU A 363 -20.75 -11.79 8.03
C LEU A 363 -21.42 -10.72 7.16
N ALA A 364 -22.76 -10.68 7.20
CA ALA A 364 -23.55 -9.75 6.39
C ALA A 364 -23.25 -8.29 6.67
N TYR A 365 -22.90 -7.96 7.92
CA TYR A 365 -22.49 -6.60 8.22
C TYR A 365 -21.01 -6.42 8.55
N GLY A 366 -20.19 -7.39 8.14
CA GLY A 366 -18.74 -7.18 8.05
C GLY A 366 -17.91 -7.42 9.29
N TYR A 367 -18.44 -8.18 10.24
CA TYR A 367 -17.63 -8.64 11.36
C TYR A 367 -17.28 -10.11 11.16
N GLY A 368 -16.17 -10.53 11.77
CA GLY A 368 -15.73 -11.93 11.66
C GLY A 368 -14.96 -12.28 10.40
N LEU A 369 -14.72 -11.28 9.54
CA LEU A 369 -13.80 -11.44 8.40
C LEU A 369 -12.76 -10.34 8.48
N SER A 370 -11.58 -10.61 7.92
CA SER A 370 -10.51 -9.63 7.92
C SER A 370 -9.97 -9.43 6.50
N VAL A 371 -9.86 -8.17 6.10
CA VAL A 371 -9.46 -7.81 4.73
C VAL A 371 -8.41 -6.70 4.77
N THR A 372 -7.78 -6.44 3.62
CA THR A 372 -6.87 -5.29 3.51
C THR A 372 -7.55 -4.16 2.75
N ALA A 373 -6.98 -2.96 2.83
CA ALA A 373 -7.55 -1.83 2.11
C ALA A 373 -7.52 -2.06 0.60
N ILE A 374 -6.44 -2.64 0.11
CA ILE A 374 -6.35 -2.97 -1.32
C ILE A 374 -7.46 -3.95 -1.75
N GLN A 375 -7.71 -4.98 -0.96
CA GLN A 375 -8.82 -5.89 -1.25
C GLN A 375 -10.17 -5.18 -1.29
N LEU A 376 -10.39 -4.30 -0.33
CA LEU A 376 -11.66 -3.58 -0.27
C LEU A 376 -11.85 -2.68 -1.50
N ALA A 377 -10.79 -1.98 -1.91
CA ALA A 377 -10.84 -1.11 -3.09
C ALA A 377 -11.12 -1.92 -4.35
N HIS A 378 -10.50 -3.10 -4.43
CA HIS A 378 -10.66 -4.01 -5.57
C HIS A 378 -12.06 -4.53 -5.67
N ALA A 379 -12.66 -4.85 -4.52
CA ALA A 379 -14.05 -5.29 -4.48
C ALA A 379 -15.00 -4.18 -4.94
N TYR A 380 -14.75 -2.96 -4.48
CA TYR A 380 -15.56 -1.81 -4.95
C TYR A 380 -15.37 -1.51 -6.44
N ALA A 381 -14.16 -1.73 -6.93
CA ALA A 381 -13.87 -1.58 -8.36
C ALA A 381 -14.72 -2.52 -9.20
N ALA A 382 -14.82 -3.80 -8.78
CA ALA A 382 -15.66 -4.79 -9.49
C ALA A 382 -17.12 -4.35 -9.50
N LEU A 383 -17.63 -3.90 -8.35
CA LEU A 383 -19.00 -3.38 -8.26
C LEU A 383 -19.25 -2.17 -9.18
N ALA A 384 -18.32 -1.22 -9.18
CA ALA A 384 -18.40 -0.03 -10.03
C ALA A 384 -18.29 -0.36 -11.53
N ASN A 385 -17.49 -1.38 -11.85
CA ASN A 385 -17.25 -1.82 -13.22
C ASN A 385 -18.34 -2.80 -13.69
N ASP A 386 -19.59 -2.45 -13.38
CA ASP A 386 -20.76 -3.29 -13.69
C ASP A 386 -20.56 -4.78 -13.35
N GLY A 387 -19.93 -5.05 -12.20
CA GLY A 387 -19.80 -6.40 -11.69
C GLY A 387 -18.65 -7.20 -12.27
N LYS A 388 -17.82 -6.56 -13.09
CA LYS A 388 -16.67 -7.25 -13.67
C LYS A 388 -15.36 -6.88 -12.96
N SER A 389 -14.64 -7.90 -12.49
CA SER A 389 -13.37 -7.72 -11.76
C SER A 389 -12.14 -7.81 -12.69
N VAL A 390 -11.46 -6.68 -12.86
CA VAL A 390 -10.22 -6.63 -13.66
C VAL A 390 -9.03 -6.86 -12.71
N PRO A 391 -8.07 -7.75 -13.09
CA PRO A 391 -6.93 -8.08 -12.21
C PRO A 391 -6.17 -6.86 -11.69
N LEU A 392 -5.78 -6.88 -10.42
CA LEU A 392 -5.02 -5.80 -9.79
C LEU A 392 -3.65 -5.65 -10.44
N SER A 393 -3.20 -4.40 -10.59
CA SER A 393 -1.84 -4.13 -11.08
C SER A 393 -1.23 -2.93 -10.36
N MET A 394 0.04 -3.05 -10.00
CA MET A 394 0.82 -1.93 -9.46
C MET A 394 1.75 -1.33 -10.50
N THR A 395 1.71 -1.89 -11.71
CA THR A 395 2.52 -1.39 -12.84
C THR A 395 1.58 -0.88 -13.93
N ARG A 396 2.08 0.04 -14.76
CA ARG A 396 1.26 0.65 -15.81
C ARG A 396 0.68 -0.42 -16.75
N VAL A 397 -0.63 -0.35 -17.00
CA VAL A 397 -1.28 -1.34 -17.86
C VAL A 397 -1.61 -0.71 -19.22
N ASP A 398 -0.99 -1.20 -20.28
CA ASP A 398 -1.23 -0.70 -21.62
C ASP A 398 -2.22 -1.59 -22.37
N ARG A 399 -2.10 -2.90 -22.17
CA ARG A 399 -3.07 -3.86 -22.69
C ARG A 399 -3.80 -4.50 -21.51
N VAL A 400 -5.08 -4.17 -21.37
CA VAL A 400 -5.85 -4.61 -20.20
C VAL A 400 -6.27 -6.08 -20.35
N PRO A 401 -5.99 -6.92 -19.33
CA PRO A 401 -6.48 -8.31 -19.41
C PRO A 401 -8.00 -8.35 -19.25
N ASP A 402 -8.65 -9.39 -19.80
CA ASP A 402 -10.11 -9.54 -19.63
C ASP A 402 -10.45 -9.66 -18.15
N GLY A 403 -11.54 -9.02 -17.75
CA GLY A 403 -12.05 -9.14 -16.38
C GLY A 403 -12.91 -10.38 -16.23
N VAL A 404 -13.18 -10.75 -14.98
CA VAL A 404 -14.08 -11.86 -14.69
C VAL A 404 -15.41 -11.27 -14.20
N GLN A 405 -16.51 -11.72 -14.78
CA GLN A 405 -17.83 -11.29 -14.32
C GLN A 405 -18.15 -12.00 -13.01
N VAL A 406 -18.19 -11.24 -11.92
CA VAL A 406 -18.36 -11.81 -10.59
C VAL A 406 -19.72 -11.49 -9.96
N ILE A 407 -20.31 -10.37 -10.39
CA ILE A 407 -21.68 -9.98 -10.06
C ILE A 407 -22.39 -9.69 -11.38
N SER A 408 -23.62 -10.19 -11.56
CA SER A 408 -24.30 -9.92 -12.82
C SER A 408 -24.41 -8.40 -13.07
N PRO A 409 -24.30 -7.98 -14.33
CA PRO A 409 -24.33 -6.54 -14.61
C PRO A 409 -25.59 -5.82 -14.11
N GLU A 410 -26.76 -6.46 -14.21
CA GLU A 410 -27.99 -5.83 -13.74
C GLU A 410 -27.98 -5.64 -12.21
N VAL A 411 -27.50 -6.64 -11.49
CA VAL A 411 -27.41 -6.57 -10.03
C VAL A 411 -26.41 -5.46 -9.65
N ALA A 412 -25.25 -5.47 -10.29
CA ALA A 412 -24.22 -4.47 -10.00
C ALA A 412 -24.73 -3.05 -10.24
N SER A 413 -25.37 -2.84 -11.39
CA SER A 413 -25.98 -1.54 -11.71
C SER A 413 -27.02 -1.10 -10.66
N THR A 414 -27.85 -2.04 -10.23
CA THR A 414 -28.87 -1.73 -9.21
C THR A 414 -28.23 -1.30 -7.89
N VAL A 415 -27.23 -2.06 -7.45
CA VAL A 415 -26.49 -1.75 -6.23
C VAL A 415 -25.77 -0.40 -6.33
N GLN A 416 -25.20 -0.10 -7.50
CA GLN A 416 -24.60 1.22 -7.76
C GLN A 416 -25.58 2.36 -7.48
N GLY A 417 -26.81 2.24 -7.99
CA GLY A 417 -27.83 3.27 -7.77
C GLY A 417 -28.20 3.39 -6.30
N MET A 418 -28.22 2.26 -5.61
CA MET A 418 -28.50 2.27 -4.16
C MET A 418 -27.41 3.05 -3.44
N LEU A 419 -26.15 2.85 -3.83
CA LEU A 419 -25.02 3.55 -3.19
C LEU A 419 -24.96 5.04 -3.54
N GLN A 420 -25.50 5.40 -4.71
CA GLN A 420 -25.65 6.80 -5.05
C GLN A 420 -26.63 7.46 -4.08
N GLN A 421 -27.72 6.74 -3.79
CA GLN A 421 -28.70 7.21 -2.79
C GLN A 421 -28.13 7.30 -1.37
N VAL A 422 -27.24 6.38 -0.99
CA VAL A 422 -26.55 6.46 0.30
C VAL A 422 -25.89 7.85 0.46
N VAL A 423 -25.32 8.35 -0.63
CA VAL A 423 -24.58 9.61 -0.62
C VAL A 423 -25.50 10.84 -0.78
N GLU A 424 -26.55 10.70 -1.58
CA GLU A 424 -27.39 11.84 -2.00
C GLU A 424 -28.72 12.00 -1.24
N ALA A 425 -29.30 10.90 -0.77
CA ALA A 425 -30.63 10.91 -0.15
C ALA A 425 -30.66 11.56 1.24
N GLN A 426 -31.83 12.06 1.64
CA GLN A 426 -32.02 12.62 2.97
C GLN A 426 -31.58 11.60 4.04
N GLY A 427 -30.80 12.07 5.02
CA GLY A 427 -30.27 11.21 6.07
C GLY A 427 -29.05 10.39 5.65
N GLY A 428 -28.55 10.64 4.45
CA GLY A 428 -27.42 9.88 3.90
C GLY A 428 -26.06 10.44 4.27
N VAL A 429 -25.03 9.94 3.62
CA VAL A 429 -23.64 10.34 3.90
C VAL A 429 -23.32 11.59 3.05
N PHE A 430 -23.87 12.74 3.44
CA PHE A 430 -23.78 13.95 2.59
C PHE A 430 -22.36 14.49 2.43
N ARG A 431 -21.50 14.20 3.40
CA ARG A 431 -20.11 14.64 3.37
C ARG A 431 -19.28 13.88 2.33
N ALA A 432 -19.83 12.81 1.76
CA ALA A 432 -19.16 12.09 0.66
C ALA A 432 -19.53 12.68 -0.71
N GLN A 433 -20.44 13.64 -0.75
CA GLN A 433 -20.82 14.31 -2.00
C GLN A 433 -19.64 15.03 -2.66
N VAL A 434 -19.60 14.97 -3.99
CA VAL A 434 -18.51 15.54 -4.78
C VAL A 434 -19.10 16.57 -5.73
N PRO A 435 -19.06 17.88 -5.36
CA PRO A 435 -19.77 18.91 -6.13
C PRO A 435 -19.40 18.89 -7.60
N GLY A 436 -20.43 18.86 -8.44
CA GLY A 436 -20.27 18.75 -9.88
C GLY A 436 -20.44 17.36 -10.43
N TYR A 437 -20.34 16.35 -9.56
CA TYR A 437 -20.46 14.94 -9.94
C TYR A 437 -21.50 14.19 -9.11
N HIS A 438 -21.97 13.06 -9.62
CA HIS A 438 -22.67 12.07 -8.82
C HIS A 438 -21.65 11.10 -8.24
N ALA A 439 -21.64 10.98 -6.92
CA ALA A 439 -20.75 10.00 -6.27
C ALA A 439 -21.58 8.95 -5.51
N ALA A 440 -20.98 7.79 -5.27
CA ALA A 440 -21.66 6.66 -4.62
C ALA A 440 -20.74 5.99 -3.64
N GLY A 441 -21.30 5.45 -2.56
CA GLY A 441 -20.49 4.65 -1.65
C GLY A 441 -21.19 4.27 -0.38
N LYS A 442 -20.40 3.85 0.60
CA LYS A 442 -20.91 3.29 1.85
C LYS A 442 -19.94 3.52 2.99
N SER A 443 -20.46 4.01 4.10
CA SER A 443 -19.69 4.23 5.32
C SER A 443 -19.59 2.95 6.15
N GLY A 444 -18.54 2.88 6.97
CA GLY A 444 -18.43 1.84 7.97
C GLY A 444 -17.79 2.41 9.22
N THR A 445 -18.13 1.84 10.36
CA THR A 445 -17.48 2.16 11.63
C THR A 445 -17.33 0.83 12.35
N ALA A 446 -16.10 0.46 12.70
CA ALA A 446 -15.88 -0.83 13.35
C ALA A 446 -15.19 -0.65 14.69
N ARG A 447 -15.67 -1.38 15.68
CA ARG A 447 -15.04 -1.44 16.99
C ARG A 447 -13.85 -2.38 16.87
N LYS A 448 -12.68 -1.93 17.32
CA LYS A 448 -11.46 -2.74 17.26
C LYS A 448 -11.45 -3.78 18.38
N VAL A 449 -11.08 -5.01 18.03
CA VAL A 449 -11.01 -6.11 18.99
C VAL A 449 -9.74 -5.96 19.84
N SER A 450 -9.90 -6.06 21.16
CA SER A 450 -8.81 -5.79 22.10
C SER A 450 -7.56 -6.67 21.89
N VAL A 451 -6.40 -6.08 22.17
CA VAL A 451 -5.10 -6.71 21.86
C VAL A 451 -4.79 -7.94 22.72
N GLY A 452 -5.28 -7.95 23.96
CA GLY A 452 -5.06 -9.07 24.87
C GLY A 452 -5.96 -10.25 24.57
N THR A 453 -6.85 -10.58 25.51
CA THR A 453 -7.88 -11.60 25.27
C THR A 453 -8.92 -11.15 24.19
N LYS A 454 -9.67 -10.06 24.38
CA LYS A 454 -9.86 -9.27 25.60
C LYS A 454 -11.13 -8.43 25.43
N GLY A 455 -12.06 -8.96 24.64
CA GLY A 455 -13.29 -8.26 24.28
C GLY A 455 -13.09 -7.31 23.11
N TYR A 456 -14.07 -6.42 22.91
CA TYR A 456 -13.95 -5.32 21.95
C TYR A 456 -13.56 -4.04 22.71
N ARG A 457 -12.56 -3.33 22.20
CA ARG A 457 -12.11 -2.08 22.82
C ARG A 457 -13.20 -1.01 22.78
N GLU A 458 -13.58 -0.55 23.98
CA GLU A 458 -14.73 0.35 24.16
C GLU A 458 -14.58 1.70 23.46
N ASN A 459 -13.37 2.26 23.50
CA ASN A 459 -13.14 3.61 22.99
C ASN A 459 -12.33 3.68 21.71
N ALA A 460 -12.06 2.51 21.11
CA ALA A 460 -11.22 2.45 19.91
C ALA A 460 -11.98 2.00 18.66
N TYR A 461 -12.01 2.87 17.65
CA TYR A 461 -12.76 2.59 16.43
C TYR A 461 -11.89 2.76 15.19
N ARG A 462 -12.36 2.16 14.10
CA ARG A 462 -11.82 2.40 12.78
C ARG A 462 -12.94 3.01 11.94
N SER A 463 -12.64 4.12 11.26
CA SER A 463 -13.60 4.87 10.44
C SER A 463 -13.34 4.60 8.97
N LEU A 464 -14.38 4.16 8.25
CA LEU A 464 -14.21 3.71 6.87
C LEU A 464 -15.18 4.42 5.93
N PHE A 465 -14.68 4.75 4.74
CA PHE A 465 -15.59 5.04 3.64
C PHE A 465 -15.05 4.42 2.36
N ALA A 466 -15.95 3.78 1.60
CA ALA A 466 -15.58 3.16 0.34
C ALA A 466 -16.59 3.59 -0.73
N GLY A 467 -16.10 3.92 -1.92
CA GLY A 467 -17.00 4.42 -2.94
C GLY A 467 -16.38 4.54 -4.32
N PHE A 468 -17.12 5.16 -5.22
CA PHE A 468 -16.68 5.35 -6.59
C PHE A 468 -17.41 6.50 -7.27
N ALA A 469 -16.86 6.96 -8.39
CA ALA A 469 -17.42 8.09 -9.12
C ALA A 469 -16.83 8.11 -10.53
N PRO A 470 -17.52 8.74 -11.49
CA PRO A 470 -18.87 9.32 -11.38
C PRO A 470 -19.91 8.22 -11.47
N ALA A 471 -21.00 8.35 -10.72
CA ALA A 471 -22.00 7.28 -10.64
C ALA A 471 -22.60 6.85 -11.98
N THR A 472 -22.83 7.81 -12.87
CA THR A 472 -23.44 7.49 -14.18
C THR A 472 -22.49 6.80 -15.14
N ASP A 473 -21.18 6.90 -14.88
CA ASP A 473 -20.16 6.17 -15.64
C ASP A 473 -18.86 5.98 -14.84
N PRO A 474 -18.85 5.01 -13.91
CA PRO A 474 -17.76 4.93 -12.93
C PRO A 474 -16.35 4.83 -13.52
N ARG A 475 -15.44 5.62 -12.97
CA ARG A 475 -14.05 5.62 -13.43
C ARG A 475 -13.07 5.20 -12.32
N ILE A 476 -13.32 5.70 -11.11
CA ILE A 476 -12.39 5.54 -9.99
C ILE A 476 -13.12 4.97 -8.77
N ALA A 477 -12.49 3.99 -8.09
CA ALA A 477 -12.95 3.53 -6.78
C ALA A 477 -11.94 3.96 -5.73
N MET A 478 -12.40 4.21 -4.52
CA MET A 478 -11.52 4.70 -3.46
C MET A 478 -11.97 4.15 -2.12
N VAL A 479 -10.99 3.82 -1.27
CA VAL A 479 -11.25 3.45 0.12
C VAL A 479 -10.43 4.38 1.02
N VAL A 480 -11.05 4.87 2.09
CA VAL A 480 -10.37 5.70 3.09
C VAL A 480 -10.56 4.97 4.43
N VAL A 481 -9.46 4.62 5.08
CA VAL A 481 -9.55 3.92 6.38
C VAL A 481 -8.71 4.67 7.38
N ILE A 482 -9.34 5.15 8.44
CA ILE A 482 -8.66 5.97 9.46
C ILE A 482 -8.77 5.25 10.81
N ASP A 483 -7.61 4.94 11.38
CA ASP A 483 -7.49 4.11 12.57
C ASP A 483 -7.43 4.96 13.84
N GLU A 484 -8.41 4.74 14.73
CA GLU A 484 -8.47 5.41 16.04
C GLU A 484 -8.47 6.95 16.01
N PRO A 485 -9.49 7.55 15.35
CA PRO A 485 -9.69 8.99 15.48
C PRO A 485 -9.98 9.32 16.95
N SER A 486 -9.52 10.49 17.40
CA SER A 486 -9.51 10.84 18.83
C SER A 486 -10.46 11.98 19.22
N LYS A 487 -11.06 12.63 18.22
CA LYS A 487 -12.02 13.71 18.48
C LYS A 487 -13.44 13.19 18.65
N ALA A 488 -14.40 14.11 18.79
CA ALA A 488 -15.78 13.76 19.09
C ALA A 488 -16.43 12.87 18.02
N GLY A 489 -16.02 13.06 16.76
CA GLY A 489 -16.52 12.26 15.65
C GLY A 489 -15.66 11.03 15.41
N TYR A 490 -16.32 9.90 15.16
CA TYR A 490 -15.60 8.70 14.79
C TYR A 490 -16.32 7.86 13.74
N PHE A 491 -17.59 8.17 13.48
CA PHE A 491 -18.34 7.48 12.43
C PHE A 491 -17.64 7.68 11.08
N GLY A 492 -17.58 6.61 10.28
CA GLY A 492 -17.01 6.70 8.92
C GLY A 492 -17.56 7.85 8.09
N GLY A 493 -18.87 8.07 8.16
CA GLY A 493 -19.49 9.17 7.44
C GLY A 493 -19.04 10.55 7.88
N LEU A 494 -18.53 10.66 9.10
CA LEU A 494 -18.01 11.94 9.64
C LEU A 494 -16.51 12.11 9.40
N VAL A 495 -15.76 11.03 9.57
CA VAL A 495 -14.30 11.09 9.57
C VAL A 495 -13.70 10.83 8.19
N SER A 496 -14.17 9.76 7.55
CA SER A 496 -13.57 9.31 6.29
C SER A 496 -14.23 9.84 5.03
N ALA A 497 -15.55 10.06 5.08
CA ALA A 497 -16.27 10.56 3.92
C ALA A 497 -15.74 11.91 3.38
N PRO A 498 -15.44 12.88 4.28
CA PRO A 498 -14.93 14.16 3.73
C PRO A 498 -13.58 14.01 2.99
N VAL A 499 -12.77 13.04 3.40
CA VAL A 499 -11.49 12.76 2.72
C VAL A 499 -11.79 12.21 1.33
N PHE A 500 -12.71 11.26 1.25
CA PHE A 500 -13.17 10.70 -0.02
C PHE A 500 -13.62 11.83 -0.96
N SER A 501 -14.43 12.76 -0.43
CA SER A 501 -14.94 13.90 -1.19
C SER A 501 -13.80 14.77 -1.75
N LYS A 502 -12.87 15.17 -0.90
CA LYS A 502 -11.79 16.06 -1.31
C LYS A 502 -10.86 15.40 -2.35
N VAL A 503 -10.53 14.14 -2.12
CA VAL A 503 -9.60 13.42 -3.01
C VAL A 503 -10.29 13.09 -4.34
N MET A 504 -11.57 12.72 -4.28
CA MET A 504 -12.31 12.43 -5.49
C MET A 504 -12.47 13.70 -6.33
N ALA A 505 -12.78 14.83 -5.68
CA ALA A 505 -12.93 16.11 -6.38
C ALA A 505 -11.69 16.46 -7.20
N GLY A 506 -10.52 16.28 -6.60
CA GLY A 506 -9.25 16.52 -7.30
C GLY A 506 -8.88 15.46 -8.31
N ALA A 507 -9.02 14.19 -7.95
CA ALA A 507 -8.61 13.09 -8.81
C ALA A 507 -9.42 13.03 -10.10
N LEU A 508 -10.73 13.26 -10.00
CA LEU A 508 -11.56 13.26 -11.21
C LEU A 508 -11.15 14.38 -12.15
N ARG A 509 -10.81 15.54 -11.59
CA ARG A 509 -10.44 16.69 -12.41
C ARG A 509 -9.04 16.56 -12.99
N LEU A 510 -8.10 16.02 -12.19
CA LEU A 510 -6.77 15.68 -12.71
C LEU A 510 -6.82 14.69 -13.87
N MET A 511 -7.82 13.82 -13.86
CA MET A 511 -8.02 12.83 -14.93
C MET A 511 -8.91 13.32 -16.07
N ASN A 512 -9.29 14.59 -16.02
CA ASN A 512 -10.14 15.22 -17.02
C ASN A 512 -11.44 14.44 -17.25
N VAL A 513 -12.05 13.98 -16.15
CA VAL A 513 -13.33 13.28 -16.24
C VAL A 513 -14.44 14.35 -16.27
N PRO A 514 -15.35 14.26 -17.28
CA PRO A 514 -16.40 15.26 -17.38
C PRO A 514 -17.36 15.21 -16.18
N PRO A 515 -17.61 16.37 -15.53
CA PRO A 515 -18.64 16.49 -14.49
C PRO A 515 -19.97 15.96 -14.99
N ASP A 516 -20.59 15.06 -14.22
CA ASP A 516 -21.78 14.36 -14.68
C ASP A 516 -23.08 14.81 -14.00
N ASN A 517 -22.99 15.77 -13.09
CA ASN A 517 -24.20 16.30 -12.49
C ASN A 517 -24.78 17.35 -13.43
N LEU A 518 -25.49 16.87 -14.44
CA LEU A 518 -26.02 17.68 -15.53
C LEU A 518 -27.54 17.55 -15.59
N PRO A 519 -28.20 18.44 -16.35
CA PRO A 519 -29.64 18.27 -16.58
C PRO A 519 -29.95 16.97 -17.31
N THR A 520 -31.18 16.48 -17.17
CA THR A 520 -31.64 15.29 -17.88
C THR A 520 -31.59 15.51 -19.39
N ALA A 521 -31.26 14.45 -20.12
CA ALA A 521 -31.12 14.51 -21.57
C ALA A 521 -32.48 14.42 -22.26
C1 AXL B . -21.25 -0.92 10.20
O1 AXL B . -20.16 -0.38 10.02
C2 AXL B . -22.13 -0.68 11.40
C3 AXL B . -23.17 0.42 11.13
S4 AXL B . -23.54 1.53 12.47
C5 AXL B . -22.79 2.99 11.85
C51 AXL B . -21.94 3.66 12.92
C52 AXL B . -23.89 3.97 11.40
C6 AXL B . -21.95 2.46 10.69
C61 AXL B . -21.60 3.48 9.64
O62 AXL B . -20.60 4.19 9.87
O63 AXL B . -22.29 3.56 8.59
N7 AXL B . -22.67 1.30 10.06
N8 AXL B . -21.25 -0.42 12.52
C9 AXL B . -21.57 -0.94 13.70
O91 AXL B . -22.64 -1.45 13.90
C10 AXL B . -20.52 -0.87 14.77
N11 AXL B . -20.55 -2.07 15.64
C12 AXL B . -20.66 0.36 15.57
C13 AXL B . -19.55 1.16 15.81
C14 AXL B . -19.66 2.33 16.58
C15 AXL B . -20.89 2.68 17.13
C16 AXL B . -22.00 1.87 16.89
C17 AXL B . -21.90 0.72 16.12
O18 AXL B . -21.03 3.81 17.88
#